data_6FWX
#
_entry.id   6FWX
#
_cell.length_a   134.400
_cell.length_b   134.400
_cell.length_c   134.000
_cell.angle_alpha   90.00
_cell.angle_beta   90.00
_cell.angle_gamma   120.00
#
_symmetry.space_group_name_H-M   'H 3'
#
loop_
_entity.id
_entity.type
_entity.pdbx_description
1 polymer Titin,Titin,Titin
2 non-polymer 1,2-ETHANEDIOL
#
_entity_poly.entity_id   1
_entity_poly.type   'polypeptide(L)'
_entity_poly.pdbx_seq_one_letter_code
;MTTQAPTFTQPLQSVVVLEGSTATFEAHISGFPVPEVSWFRDGQVISTSTLPGVQISFSDGRAKLTIPAVTKANSGRYSL
KATNGSGQATSTAELLVKAETAPPNFVQRLQSMTVRQGSQVRLQVRVTGIPTPVVKFYRDGAEIQSSLDFQISQEGDLYS
LLIAEAYPEDSGTYSVNATNSVGRATSTAELLVQGETTQAPTFTQPLQSVVVLEGSTATFEAHISGFPVPEVSWFRDGQV
ISSGRGDSSPGVQISFSDGRAKLTIPAVTKANSGRYSLKATNGSGQATSTAELLVKAETAPPNFVQRLQSMTVRQGSQVR
LQVRVTGIPTPVVKFYRDGAEIQSSLDFQISQEGDLYSLLIAEAYPEDSGTYSVNATNSVGRATSTAELLVQGE
;
_entity_poly.pdbx_strand_id   A,B
#
# COMPACT_ATOMS: atom_id res chain seq x y z
N MET A 1 25.24 37.51 -6.29
CA MET A 1 26.26 36.84 -7.07
C MET A 1 27.64 37.01 -6.44
N THR A 2 27.66 37.30 -5.15
CA THR A 2 28.89 37.42 -4.38
C THR A 2 29.18 36.12 -3.64
N THR A 3 30.43 35.97 -3.21
CA THR A 3 30.88 34.74 -2.58
C THR A 3 30.12 34.48 -1.28
N GLN A 4 29.62 33.26 -1.13
CA GLN A 4 28.94 32.84 0.09
C GLN A 4 29.22 31.37 0.33
N ALA A 5 29.47 31.03 1.60
CA ALA A 5 29.75 29.65 1.95
C ALA A 5 28.50 28.79 1.77
N PRO A 6 28.67 27.49 1.50
CA PRO A 6 27.49 26.63 1.30
C PRO A 6 26.70 26.45 2.58
N THR A 7 25.38 26.41 2.44
CA THR A 7 24.48 26.18 3.56
C THR A 7 23.32 25.31 3.10
N PHE A 8 22.71 24.61 4.05
CA PHE A 8 21.63 23.67 3.77
C PHE A 8 20.30 24.34 4.11
N THR A 9 19.60 24.82 3.08
CA THR A 9 18.23 25.29 3.29
C THR A 9 17.29 24.13 3.57
N GLN A 10 17.56 22.97 2.97
CA GLN A 10 16.81 21.75 3.24
C GLN A 10 17.80 20.64 3.54
N PRO A 11 17.91 20.17 4.78
CA PRO A 11 18.87 19.12 5.11
C PRO A 11 18.31 17.75 4.76
N LEU A 12 19.13 16.73 5.02
CA LEU A 12 18.71 15.35 4.78
C LEU A 12 17.78 14.87 5.88
N GLN A 13 17.00 13.84 5.56
CA GLN A 13 16.02 13.26 6.47
C GLN A 13 16.30 11.78 6.64
N SER A 14 16.44 11.34 7.89
CA SER A 14 16.57 9.91 8.17
C SER A 14 15.28 9.20 7.76
N VAL A 15 15.44 8.13 6.97
CA VAL A 15 14.31 7.47 6.33
C VAL A 15 14.34 5.98 6.65
N VAL A 16 13.17 5.40 6.86
CA VAL A 16 13.00 3.96 7.01
C VAL A 16 12.27 3.47 5.75
N VAL A 17 12.96 2.66 4.95
CA VAL A 17 12.38 2.11 3.74
C VAL A 17 12.31 0.60 3.87
N LEU A 18 11.33 0.01 3.20
CA LEU A 18 11.20 -1.44 3.15
C LEU A 18 12.03 -1.97 1.99
N GLU A 19 12.70 -3.10 2.21
CA GLU A 19 13.58 -3.65 1.20
C GLU A 19 12.79 -4.00 -0.05
N GLY A 20 13.35 -3.66 -1.22
CA GLY A 20 12.68 -3.78 -2.49
C GLY A 20 12.08 -2.48 -2.98
N SER A 21 11.68 -1.60 -2.06
CA SER A 21 11.14 -0.30 -2.43
C SER A 21 12.26 0.69 -2.70
N THR A 22 11.90 1.79 -3.35
CA THR A 22 12.86 2.83 -3.67
C THR A 22 13.06 3.76 -2.47
N ALA A 23 14.28 4.30 -2.36
CA ALA A 23 14.62 5.27 -1.33
C ALA A 23 15.26 6.49 -1.98
N THR A 24 15.05 7.65 -1.35
CA THR A 24 15.50 8.91 -1.92
C THR A 24 15.99 9.83 -0.81
N PHE A 25 17.25 10.25 -0.90
CA PHE A 25 17.80 11.33 -0.09
C PHE A 25 17.92 12.57 -0.96
N GLU A 26 17.33 13.67 -0.52
CA GLU A 26 17.39 14.91 -1.26
C GLU A 26 17.63 16.07 -0.31
N ALA A 27 18.23 17.14 -0.84
CA ALA A 27 18.59 18.29 -0.04
C ALA A 27 18.76 19.49 -0.96
N HIS A 28 18.39 20.66 -0.44
CA HIS A 28 18.53 21.93 -1.17
C HIS A 28 19.72 22.68 -0.60
N ILE A 29 20.67 23.02 -1.46
CA ILE A 29 21.92 23.68 -1.06
C ILE A 29 22.02 25.03 -1.76
N SER A 30 22.42 26.05 -1.01
CA SER A 30 22.62 27.38 -1.55
C SER A 30 24.02 27.87 -1.16
N GLY A 31 24.66 28.59 -2.08
CA GLY A 31 26.00 29.10 -1.85
C GLY A 31 26.71 29.44 -3.14
N PHE A 32 27.34 30.60 -3.20
CA PHE A 32 28.02 31.03 -4.41
C PHE A 32 29.53 31.08 -4.20
N PRO A 33 30.30 30.50 -5.14
CA PRO A 33 29.83 29.79 -6.35
C PRO A 33 29.14 28.47 -6.03
N VAL A 34 28.42 27.92 -7.00
CA VAL A 34 27.65 26.70 -6.82
C VAL A 34 28.57 25.59 -6.28
N PRO A 35 28.27 25.02 -5.12
CA PRO A 35 29.20 24.07 -4.50
C PRO A 35 29.28 22.76 -5.25
N GLU A 36 30.34 22.01 -4.96
CA GLU A 36 30.49 20.65 -5.46
C GLU A 36 29.89 19.67 -4.45
N VAL A 37 29.22 18.66 -4.98
CA VAL A 37 28.43 17.72 -4.17
C VAL A 37 29.09 16.36 -4.22
N SER A 38 29.23 15.73 -3.05
CA SER A 38 29.76 14.39 -2.93
C SER A 38 28.96 13.62 -1.89
N TRP A 39 28.59 12.38 -2.22
CA TRP A 39 27.80 11.54 -1.33
C TRP A 39 28.69 10.47 -0.71
N PHE A 40 28.34 10.06 0.51
CA PHE A 40 29.11 9.09 1.27
C PHE A 40 28.18 8.15 2.00
N ARG A 41 28.65 6.92 2.20
CA ARG A 41 27.92 5.92 3.00
C ARG A 41 28.95 5.14 3.83
N ASP A 42 28.95 5.39 5.14
CA ASP A 42 29.79 4.64 6.08
C ASP A 42 31.27 4.72 5.70
N GLY A 43 31.73 5.92 5.39
CA GLY A 43 33.13 6.15 5.12
C GLY A 43 33.59 5.92 3.68
N GLN A 44 32.71 5.43 2.81
CA GLN A 44 33.06 5.15 1.43
C GLN A 44 32.33 6.12 0.50
N VAL A 45 33.08 6.66 -0.47
CA VAL A 45 32.49 7.59 -1.43
C VAL A 45 31.51 6.84 -2.33
N ILE A 46 30.38 7.47 -2.62
CA ILE A 46 29.29 6.85 -3.37
C ILE A 46 29.39 7.28 -4.83
N SER A 47 29.37 6.30 -5.72
CA SER A 47 29.29 6.54 -7.16
C SER A 47 28.47 5.40 -7.77
N THR A 48 28.47 5.33 -9.11
CA THR A 48 27.77 4.24 -9.78
C THR A 48 28.43 2.89 -9.53
N SER A 49 29.72 2.88 -9.19
CA SER A 49 30.43 1.62 -8.99
C SER A 49 30.24 1.08 -7.58
N THR A 50 30.36 1.94 -6.57
CA THR A 50 30.23 1.49 -5.19
C THR A 50 28.85 0.92 -4.92
N LEU A 51 27.80 1.61 -5.38
CA LEU A 51 26.42 1.14 -5.26
C LEU A 51 25.81 1.13 -6.64
N PRO A 52 25.64 -0.04 -7.26
CA PRO A 52 25.11 -0.08 -8.62
C PRO A 52 23.66 0.37 -8.69
N GLY A 53 23.29 0.94 -9.82
CA GLY A 53 21.95 1.43 -10.05
C GLY A 53 21.60 2.71 -9.35
N VAL A 54 22.48 3.24 -8.49
CA VAL A 54 22.20 4.49 -7.79
C VAL A 54 22.13 5.63 -8.80
N GLN A 55 21.35 6.65 -8.48
CA GLN A 55 21.13 7.80 -9.34
C GLN A 55 21.33 9.08 -8.55
N ILE A 56 22.33 9.87 -8.96
CA ILE A 56 22.68 11.11 -8.28
C ILE A 56 22.50 12.25 -9.27
N SER A 57 21.81 13.30 -8.82
CA SER A 57 21.57 14.48 -9.65
C SER A 57 21.76 15.74 -8.81
N PHE A 58 22.14 16.82 -9.47
CA PHE A 58 22.28 18.12 -8.82
C PHE A 58 21.80 19.17 -9.80
N SER A 59 20.60 19.70 -9.58
CA SER A 59 19.98 20.67 -10.48
C SER A 59 19.29 21.75 -9.66
N ASP A 60 19.62 23.00 -9.95
CA ASP A 60 19.04 24.16 -9.28
C ASP A 60 19.19 24.05 -7.77
N GLY A 61 20.40 23.70 -7.33
CA GLY A 61 20.68 23.60 -5.92
C GLY A 61 19.97 22.48 -5.20
N ARG A 62 19.41 21.53 -5.94
CA ARG A 62 18.73 20.37 -5.36
C ARG A 62 19.52 19.11 -5.70
N ALA A 63 20.20 18.56 -4.69
CA ALA A 63 20.91 17.30 -4.84
C ALA A 63 20.01 16.16 -4.41
N LYS A 64 19.97 15.10 -5.22
CA LYS A 64 19.10 13.96 -4.96
C LYS A 64 19.86 12.66 -5.20
N LEU A 65 19.68 11.71 -4.29
CA LEU A 65 20.27 10.37 -4.41
C LEU A 65 19.14 9.36 -4.32
N THR A 66 18.99 8.53 -5.35
CA THR A 66 17.90 7.59 -5.46
C THR A 66 18.46 6.17 -5.62
N ILE A 67 17.97 5.25 -4.81
CA ILE A 67 18.28 3.83 -4.91
C ILE A 67 17.02 3.12 -5.38
N PRO A 68 17.03 2.50 -6.57
CA PRO A 68 15.79 1.89 -7.08
C PRO A 68 15.34 0.67 -6.28
N ALA A 69 16.24 -0.30 -6.11
CA ALA A 69 15.93 -1.52 -5.37
C ALA A 69 16.82 -1.57 -4.13
N VAL A 70 16.27 -1.16 -3.00
CA VAL A 70 17.03 -1.11 -1.75
C VAL A 70 17.11 -2.50 -1.16
N THR A 71 18.32 -2.89 -0.73
CA THR A 71 18.56 -4.16 -0.07
C THR A 71 18.98 -3.90 1.38
N LYS A 72 19.24 -5.00 2.10
CA LYS A 72 19.70 -4.87 3.48
C LYS A 72 21.08 -4.23 3.56
N ALA A 73 21.93 -4.49 2.57
CA ALA A 73 23.28 -3.95 2.59
C ALA A 73 23.32 -2.47 2.28
N ASN A 74 22.26 -1.91 1.68
CA ASN A 74 22.23 -0.49 1.36
C ASN A 74 22.04 0.39 2.59
N SER A 75 21.76 -0.20 3.75
CA SER A 75 21.58 0.59 4.96
C SER A 75 22.92 1.17 5.42
N GLY A 76 22.84 2.05 6.42
CA GLY A 76 23.99 2.73 6.96
C GLY A 76 23.70 4.21 7.10
N ARG A 77 24.75 4.98 7.35
CA ARG A 77 24.64 6.42 7.56
C ARG A 77 25.14 7.13 6.30
N TYR A 78 24.28 7.95 5.70
CA TYR A 78 24.61 8.67 4.49
C TYR A 78 24.92 10.13 4.80
N SER A 79 25.97 10.65 4.16
CA SER A 79 26.40 12.02 4.36
C SER A 79 26.47 12.74 3.02
N LEU A 80 26.46 14.07 3.09
CA LEU A 80 26.45 14.92 1.89
C LEU A 80 27.33 16.14 2.16
N LYS A 81 28.45 16.22 1.46
CA LYS A 81 29.38 17.33 1.60
C LYS A 81 29.20 18.32 0.45
N ALA A 82 29.03 19.60 0.80
CA ALA A 82 29.00 20.68 -0.17
C ALA A 82 30.22 21.56 0.04
N THR A 83 30.97 21.81 -1.03
CA THR A 83 32.26 22.47 -0.91
C THR A 83 32.44 23.48 -2.03
N ASN A 84 32.86 24.68 -1.67
CA ASN A 84 33.35 25.68 -2.63
C ASN A 84 34.61 26.29 -2.03
N GLY A 85 35.00 27.46 -2.53
CA GLY A 85 36.18 28.12 -2.00
C GLY A 85 35.97 28.80 -0.65
N SER A 86 34.73 29.13 -0.31
CA SER A 86 34.44 29.90 0.89
C SER A 86 34.29 29.05 2.14
N GLY A 87 33.96 27.77 2.01
CA GLY A 87 33.80 26.92 3.18
C GLY A 87 33.28 25.55 2.79
N GLN A 88 32.73 24.86 3.79
CA GLN A 88 32.25 23.50 3.63
C GLN A 88 31.01 23.29 4.47
N ALA A 89 30.03 22.60 3.92
CA ALA A 89 28.79 22.27 4.62
C ALA A 89 28.49 20.80 4.45
N THR A 90 28.14 20.12 5.53
CA THR A 90 27.91 18.67 5.52
C THR A 90 26.63 18.37 6.27
N SER A 91 25.67 17.76 5.58
CA SER A 91 24.46 17.23 6.18
C SER A 91 24.50 15.70 6.15
N THR A 92 23.91 15.08 7.17
CA THR A 92 23.99 13.64 7.29
C THR A 92 22.70 13.08 7.88
N ALA A 93 22.21 12.01 7.27
CA ALA A 93 21.09 11.23 7.81
C ALA A 93 21.51 9.77 7.74
N GLU A 94 20.53 8.86 7.83
CA GLU A 94 20.84 7.45 7.72
C GLU A 94 19.64 6.70 7.15
N LEU A 95 19.94 5.61 6.43
CA LEU A 95 18.92 4.79 5.79
C LEU A 95 18.73 3.52 6.61
N LEU A 96 17.49 3.27 7.03
CA LEU A 96 17.14 2.09 7.81
C LEU A 96 16.28 1.18 6.95
N VAL A 97 16.77 -0.02 6.68
CA VAL A 97 16.11 -0.97 5.79
C VAL A 97 15.60 -2.13 6.63
N LYS A 98 14.30 -2.19 6.83
CA LYS A 98 13.66 -3.33 7.50
C LYS A 98 13.22 -4.35 6.47
N ALA A 99 13.51 -5.62 6.74
CA ALA A 99 13.09 -6.69 5.85
C ALA A 99 11.57 -6.83 5.88
N GLU A 100 11.01 -7.19 4.73
CA GLU A 100 9.56 -7.32 4.63
C GLU A 100 9.07 -8.50 5.46
N THR A 101 8.12 -8.24 6.35
CA THR A 101 7.55 -9.23 7.23
C THR A 101 6.03 -9.23 7.08
N ALA A 102 5.39 -10.19 7.75
CA ALA A 102 3.93 -10.31 7.73
C ALA A 102 3.47 -11.16 8.92
N PRO A 103 2.49 -10.70 9.69
CA PRO A 103 1.99 -11.49 10.81
C PRO A 103 1.36 -12.78 10.34
N PRO A 104 1.26 -13.78 11.20
CA PRO A 104 0.62 -15.05 10.79
C PRO A 104 -0.85 -14.82 10.48
N ASN A 105 -1.27 -15.30 9.30
CA ASN A 105 -2.64 -15.16 8.84
C ASN A 105 -3.16 -16.52 8.42
N PHE A 106 -4.33 -16.89 8.95
CA PHE A 106 -4.98 -18.15 8.60
C PHE A 106 -5.80 -17.92 7.33
N VAL A 107 -5.23 -18.30 6.18
CA VAL A 107 -5.98 -18.23 4.94
C VAL A 107 -7.17 -19.17 4.99
N GLN A 108 -6.97 -20.39 5.50
CA GLN A 108 -8.03 -21.35 5.73
C GLN A 108 -8.02 -21.71 7.21
N ARG A 109 -9.15 -21.54 7.88
CA ARG A 109 -9.25 -21.78 9.31
C ARG A 109 -9.75 -23.20 9.58
N LEU A 110 -9.68 -23.59 10.85
CA LEU A 110 -10.22 -24.88 11.27
C LEU A 110 -11.75 -24.80 11.27
N GLN A 111 -12.39 -25.90 10.88
CA GLN A 111 -13.84 -25.98 10.78
C GLN A 111 -14.35 -27.04 11.75
N SER A 112 -15.23 -26.63 12.65
CA SER A 112 -15.86 -27.57 13.56
C SER A 112 -16.75 -28.54 12.78
N MET A 113 -16.65 -29.82 13.12
CA MET A 113 -17.36 -30.85 12.38
C MET A 113 -17.75 -31.99 13.30
N THR A 114 -18.87 -32.63 12.98
CA THR A 114 -19.35 -33.80 13.70
C THR A 114 -19.48 -34.95 12.71
N VAL A 115 -18.84 -36.07 13.03
CA VAL A 115 -18.76 -37.21 12.13
C VAL A 115 -19.19 -38.48 12.88
N ARG A 116 -19.42 -39.53 12.11
CA ARG A 116 -19.74 -40.84 12.67
C ARG A 116 -18.47 -41.56 13.10
N GLN A 117 -18.65 -42.64 13.85
CA GLN A 117 -17.52 -43.41 14.32
C GLN A 117 -16.87 -44.18 13.17
N GLY A 118 -15.55 -44.36 13.26
CA GLY A 118 -14.80 -45.02 12.22
C GLY A 118 -14.54 -44.20 10.98
N SER A 119 -15.09 -42.99 10.90
CA SER A 119 -14.89 -42.14 9.74
C SER A 119 -13.51 -41.49 9.77
N GLN A 120 -13.08 -41.01 8.61
CA GLN A 120 -11.79 -40.34 8.47
C GLN A 120 -12.00 -38.84 8.63
N VAL A 121 -11.29 -38.25 9.59
CA VAL A 121 -11.38 -36.82 9.88
C VAL A 121 -10.11 -36.14 9.41
N ARG A 122 -10.26 -35.02 8.71
CA ARG A 122 -9.14 -34.24 8.21
C ARG A 122 -9.30 -32.80 8.67
N LEU A 123 -8.46 -32.37 9.61
CA LEU A 123 -8.42 -30.99 10.06
C LEU A 123 -7.32 -30.27 9.31
N GLN A 124 -7.66 -29.12 8.70
CA GLN A 124 -6.78 -28.48 7.74
C GLN A 124 -6.74 -26.98 7.96
N VAL A 125 -5.55 -26.39 7.80
CA VAL A 125 -5.36 -24.95 7.85
C VAL A 125 -4.29 -24.56 6.83
N ARG A 126 -4.44 -23.35 6.29
CA ARG A 126 -3.42 -22.74 5.43
C ARG A 126 -2.93 -21.47 6.10
N VAL A 127 -1.65 -21.44 6.45
CA VAL A 127 -1.07 -20.36 7.24
C VAL A 127 -0.05 -19.61 6.40
N THR A 128 -0.09 -18.28 6.49
CA THR A 128 0.87 -17.42 5.80
C THR A 128 1.52 -16.48 6.81
N GLY A 129 2.80 -16.21 6.61
CA GLY A 129 3.54 -15.32 7.50
C GLY A 129 5.00 -15.20 7.14
N ILE A 130 5.55 -13.99 7.26
CA ILE A 130 6.97 -13.78 7.03
C ILE A 130 7.59 -13.17 8.28
N PRO A 131 8.60 -13.84 8.86
CA PRO A 131 9.16 -15.15 8.46
C PRO A 131 8.17 -16.30 8.66
N THR A 132 8.50 -17.46 8.10
CA THR A 132 7.60 -18.61 8.12
C THR A 132 7.21 -18.95 9.56
N PRO A 133 5.92 -18.94 9.90
CA PRO A 133 5.53 -19.15 11.29
C PRO A 133 5.77 -20.58 11.74
N VAL A 134 5.98 -20.74 13.05
CA VAL A 134 6.10 -22.05 13.68
C VAL A 134 4.69 -22.50 14.03
N VAL A 135 4.19 -23.50 13.31
CA VAL A 135 2.82 -23.97 13.44
C VAL A 135 2.80 -25.20 14.34
N LYS A 136 2.00 -25.14 15.39
CA LYS A 136 1.87 -26.23 16.35
C LYS A 136 0.41 -26.53 16.60
N PHE A 137 0.06 -27.82 16.63
CA PHE A 137 -1.29 -28.25 16.89
C PHE A 137 -1.50 -28.50 18.38
N TYR A 138 -2.76 -28.40 18.82
CA TYR A 138 -3.10 -28.57 20.22
C TYR A 138 -4.45 -29.26 20.33
N ARG A 139 -4.54 -30.23 21.25
CA ARG A 139 -5.77 -30.95 21.53
C ARG A 139 -6.14 -30.72 22.99
N ASP A 140 -7.29 -30.09 23.22
CA ASP A 140 -7.77 -29.75 24.55
C ASP A 140 -6.77 -28.92 25.34
N GLY A 141 -5.89 -28.19 24.65
CA GLY A 141 -4.89 -27.36 25.28
C GLY A 141 -3.49 -27.94 25.29
N ALA A 142 -3.36 -29.26 25.14
CA ALA A 142 -2.05 -29.91 25.16
C ALA A 142 -1.52 -30.06 23.74
N GLU A 143 -0.21 -29.94 23.60
CA GLU A 143 0.43 -30.04 22.29
C GLU A 143 0.33 -31.47 21.76
N ILE A 144 -0.02 -31.58 20.47
CA ILE A 144 -0.22 -32.87 19.84
C ILE A 144 1.11 -33.38 19.29
N GLN A 145 1.43 -34.63 19.60
CA GLN A 145 2.58 -35.30 19.00
C GLN A 145 2.10 -36.14 17.81
N SER A 146 2.82 -36.05 16.71
CA SER A 146 2.44 -36.73 15.47
C SER A 146 2.51 -38.24 15.69
N SER A 147 1.36 -38.84 15.98
CA SER A 147 1.27 -40.28 16.18
C SER A 147 1.19 -40.99 14.82
N LEU A 148 0.88 -42.28 14.83
CA LEU A 148 0.78 -43.04 13.60
C LEU A 148 -0.47 -42.65 12.82
N ASP A 149 -1.63 -43.15 13.26
CA ASP A 149 -2.91 -42.79 12.67
C ASP A 149 -3.47 -41.49 13.26
N PHE A 150 -2.61 -40.65 13.82
CA PHE A 150 -2.98 -39.33 14.32
C PHE A 150 -1.95 -38.32 13.81
N GLN A 151 -1.77 -38.29 12.49
CA GLN A 151 -0.58 -37.73 11.87
C GLN A 151 -0.75 -36.26 11.52
N ILE A 152 0.31 -35.48 11.76
CA ILE A 152 0.39 -34.08 11.37
C ILE A 152 1.39 -33.97 10.22
N SER A 153 0.95 -33.42 9.09
CA SER A 153 1.78 -33.30 7.91
C SER A 153 1.68 -31.88 7.36
N GLN A 154 2.67 -31.50 6.56
CA GLN A 154 2.77 -30.15 6.03
C GLN A 154 3.15 -30.20 4.56
N GLU A 155 2.51 -29.34 3.76
CA GLU A 155 2.88 -29.13 2.36
C GLU A 155 2.88 -27.62 2.11
N GLY A 156 4.04 -27.01 2.23
CA GLY A 156 4.12 -25.57 2.01
C GLY A 156 3.42 -24.83 3.12
N ASP A 157 2.40 -24.06 2.77
CA ASP A 157 1.61 -23.33 3.76
C ASP A 157 0.43 -24.13 4.28
N LEU A 158 0.29 -25.39 3.89
CA LEU A 158 -0.86 -26.22 4.23
C LEU A 158 -0.47 -27.23 5.30
N TYR A 159 -1.25 -27.28 6.37
CA TYR A 159 -1.01 -28.19 7.49
C TYR A 159 -2.26 -29.05 7.70
N SER A 160 -2.04 -30.33 7.95
CA SER A 160 -3.15 -31.28 8.04
C SER A 160 -2.92 -32.25 9.19
N LEU A 161 -3.95 -32.41 10.03
CA LEU A 161 -3.99 -33.47 11.04
C LEU A 161 -4.98 -34.52 10.55
N LEU A 162 -4.45 -35.66 10.12
CA LEU A 162 -5.27 -36.72 9.55
C LEU A 162 -5.52 -37.81 10.58
N ILE A 163 -6.78 -38.03 10.93
CA ILE A 163 -7.20 -39.13 11.79
C ILE A 163 -7.75 -40.24 10.90
N ALA A 164 -7.08 -41.39 10.91
CA ALA A 164 -7.47 -42.48 10.02
C ALA A 164 -8.88 -42.96 10.32
N GLU A 165 -9.14 -43.36 11.56
CA GLU A 165 -10.46 -43.79 11.99
C GLU A 165 -10.82 -43.06 13.26
N ALA A 166 -11.88 -42.26 13.21
CA ALA A 166 -12.30 -41.45 14.35
C ALA A 166 -13.13 -42.28 15.31
N TYR A 167 -12.96 -42.03 16.59
CA TYR A 167 -13.67 -42.71 17.66
C TYR A 167 -14.16 -41.68 18.67
N PRO A 168 -15.18 -42.01 19.47
CA PRO A 168 -15.74 -41.02 20.40
C PRO A 168 -14.72 -40.38 21.33
N GLU A 169 -13.65 -41.09 21.70
CA GLU A 169 -12.63 -40.49 22.55
C GLU A 169 -11.85 -39.40 21.82
N ASP A 170 -11.87 -39.40 20.49
CA ASP A 170 -11.20 -38.35 19.72
C ASP A 170 -11.95 -37.02 19.77
N SER A 171 -13.16 -37.00 20.33
CA SER A 171 -13.91 -35.75 20.44
C SER A 171 -13.19 -34.81 21.40
N GLY A 172 -13.19 -33.52 21.05
CA GLY A 172 -12.53 -32.53 21.88
C GLY A 172 -12.39 -31.22 21.13
N THR A 173 -11.50 -30.37 21.65
CA THR A 173 -11.26 -29.04 21.10
C THR A 173 -9.85 -29.02 20.51
N TYR A 174 -9.76 -29.06 19.19
CA TYR A 174 -8.48 -29.01 18.48
C TYR A 174 -8.21 -27.58 18.05
N SER A 175 -6.98 -27.12 18.31
CA SER A 175 -6.60 -25.76 17.98
C SER A 175 -5.19 -25.76 17.41
N VAL A 176 -4.95 -24.84 16.48
CA VAL A 176 -3.65 -24.67 15.84
C VAL A 176 -3.15 -23.27 16.13
N ASN A 177 -1.86 -23.16 16.47
CA ASN A 177 -1.26 -21.89 16.86
C ASN A 177 -0.05 -21.63 15.99
N ALA A 178 -0.04 -20.48 15.32
CA ALA A 178 1.04 -20.08 14.44
C ALA A 178 1.64 -18.77 14.96
N THR A 179 2.94 -18.79 15.24
CA THR A 179 3.64 -17.63 15.77
C THR A 179 4.95 -17.43 15.02
N ASN A 180 5.31 -16.18 14.80
CA ASN A 180 6.63 -15.83 14.25
C ASN A 180 7.10 -14.57 14.97
N SER A 181 8.09 -13.90 14.39
CA SER A 181 8.72 -12.76 15.07
C SER A 181 7.86 -11.51 15.09
N VAL A 182 6.72 -11.50 14.39
CA VAL A 182 5.92 -10.29 14.25
C VAL A 182 4.49 -10.45 14.73
N GLY A 183 4.09 -11.64 15.16
CA GLY A 183 2.74 -11.80 15.65
C GLY A 183 2.42 -13.25 15.95
N ARG A 184 1.15 -13.46 16.33
CA ARG A 184 0.64 -14.78 16.69
C ARG A 184 -0.82 -14.87 16.24
N ALA A 185 -1.20 -16.01 15.67
CA ALA A 185 -2.57 -16.25 15.25
C ALA A 185 -2.97 -17.66 15.66
N THR A 186 -4.24 -17.81 16.06
CA THR A 186 -4.77 -19.09 16.49
C THR A 186 -6.09 -19.38 15.78
N SER A 187 -6.34 -20.66 15.54
CA SER A 187 -7.61 -21.15 15.02
C SER A 187 -8.09 -22.29 15.90
N THR A 188 -9.40 -22.34 16.14
CA THR A 188 -9.96 -23.31 17.09
C THR A 188 -11.22 -23.93 16.50
N ALA A 189 -11.40 -25.22 16.74
CA ALA A 189 -12.57 -25.94 16.28
C ALA A 189 -12.89 -27.07 17.24
N GLU A 190 -14.16 -27.48 17.25
CA GLU A 190 -14.64 -28.57 18.09
C GLU A 190 -14.96 -29.77 17.21
N LEU A 191 -14.49 -30.94 17.62
CA LEU A 191 -14.77 -32.19 16.92
C LEU A 191 -15.62 -33.09 17.81
N LEU A 192 -16.60 -33.75 17.19
CA LEU A 192 -17.48 -34.68 17.89
C LEU A 192 -17.64 -35.93 17.05
N VAL A 193 -17.36 -37.08 17.63
CA VAL A 193 -17.49 -38.38 16.95
C VAL A 193 -18.59 -39.16 17.64
N GLN A 194 -19.62 -39.52 16.88
CA GLN A 194 -20.79 -40.21 17.41
C GLN A 194 -20.70 -41.70 17.15
N GLY A 195 -21.31 -42.48 18.03
CA GLY A 195 -21.32 -43.92 17.91
C GLY A 195 -22.65 -44.54 18.31
N PRO B 103 -28.44 -18.56 -8.46
CA PRO B 103 -27.25 -17.83 -8.03
C PRO B 103 -26.67 -16.94 -9.12
N PRO B 104 -26.44 -15.67 -8.80
CA PRO B 104 -25.89 -14.74 -9.81
C PRO B 104 -24.48 -15.15 -10.20
N ASN B 105 -24.22 -15.24 -11.50
CA ASN B 105 -22.92 -15.61 -12.02
C ASN B 105 -22.55 -14.68 -13.15
N PHE B 106 -21.28 -14.31 -13.22
CA PHE B 106 -20.78 -13.39 -14.25
C PHE B 106 -20.08 -14.22 -15.34
N VAL B 107 -20.82 -14.52 -16.41
CA VAL B 107 -20.23 -15.21 -17.54
C VAL B 107 -19.19 -14.32 -18.23
N GLN B 108 -19.49 -13.03 -18.35
CA GLN B 108 -18.56 -12.05 -18.90
C GLN B 108 -18.44 -10.92 -17.89
N ARG B 109 -17.24 -10.76 -17.33
CA ARG B 109 -17.03 -9.79 -16.26
C ARG B 109 -16.79 -8.39 -16.84
N LEU B 110 -16.86 -7.40 -15.95
CA LEU B 110 -16.53 -6.04 -16.33
C LEU B 110 -15.03 -5.89 -16.53
N GLN B 111 -14.64 -5.16 -17.58
CA GLN B 111 -13.24 -4.97 -17.93
C GLN B 111 -12.85 -3.50 -17.77
N SER B 112 -11.68 -3.28 -17.20
CA SER B 112 -11.13 -1.93 -17.13
C SER B 112 -10.71 -1.47 -18.51
N MET B 113 -10.95 -0.19 -18.80
CA MET B 113 -10.71 0.36 -20.13
C MET B 113 -10.03 1.72 -20.02
N THR B 114 -9.17 2.01 -21.00
CA THR B 114 -8.51 3.30 -21.14
C THR B 114 -8.77 3.80 -22.54
N VAL B 115 -9.59 4.85 -22.68
CA VAL B 115 -10.02 5.34 -23.98
C VAL B 115 -9.58 6.79 -24.14
N ARG B 116 -9.62 7.26 -25.38
CA ARG B 116 -9.34 8.65 -25.68
C ARG B 116 -10.60 9.50 -25.47
N GLN B 117 -10.39 10.79 -25.27
CA GLN B 117 -11.50 11.71 -25.01
C GLN B 117 -12.36 11.86 -26.26
N GLY B 118 -13.68 11.73 -26.08
CA GLY B 118 -14.64 11.87 -27.14
C GLY B 118 -15.17 10.56 -27.70
N SER B 119 -14.51 9.44 -27.40
CA SER B 119 -14.94 8.15 -27.92
C SER B 119 -16.18 7.67 -27.19
N GLN B 120 -16.71 6.53 -27.63
CA GLN B 120 -17.91 5.93 -27.07
C GLN B 120 -17.52 4.73 -26.23
N VAL B 121 -17.92 4.74 -24.96
CA VAL B 121 -17.57 3.69 -24.00
C VAL B 121 -18.82 2.89 -23.69
N ARG B 122 -18.70 1.57 -23.72
CA ARG B 122 -19.78 0.66 -23.39
C ARG B 122 -19.27 -0.42 -22.46
N LEU B 123 -19.84 -0.48 -21.25
CA LEU B 123 -19.50 -1.48 -20.26
C LEU B 123 -20.62 -2.51 -20.20
N GLN B 124 -20.28 -3.77 -20.42
CA GLN B 124 -21.29 -4.82 -20.54
C GLN B 124 -20.87 -6.05 -19.74
N VAL B 125 -21.87 -6.71 -19.15
CA VAL B 125 -21.68 -7.93 -18.39
C VAL B 125 -22.72 -8.95 -18.83
N ARG B 126 -22.57 -10.18 -18.34
CA ARG B 126 -23.52 -11.27 -18.59
C ARG B 126 -23.85 -11.92 -17.26
N VAL B 127 -25.08 -11.73 -16.78
CA VAL B 127 -25.51 -12.19 -15.47
C VAL B 127 -26.54 -13.30 -15.66
N THR B 128 -26.21 -14.50 -15.18
CA THR B 128 -27.12 -15.64 -15.20
C THR B 128 -27.51 -15.98 -13.77
N GLY B 129 -28.81 -16.04 -13.51
CA GLY B 129 -29.28 -16.31 -12.16
C GLY B 129 -30.66 -16.94 -12.10
N ILE B 130 -30.85 -17.86 -11.16
CA ILE B 130 -32.14 -18.48 -10.92
C ILE B 130 -32.49 -18.33 -9.43
N PRO B 131 -33.47 -17.47 -9.12
CA PRO B 131 -34.27 -16.66 -10.04
C PRO B 131 -33.49 -15.52 -10.70
N THR B 132 -34.07 -14.92 -11.73
CA THR B 132 -33.37 -13.86 -12.45
C THR B 132 -33.09 -12.69 -11.50
N PRO B 133 -31.89 -12.12 -11.55
CA PRO B 133 -31.51 -11.12 -10.54
C PRO B 133 -31.61 -9.68 -11.05
N VAL B 134 -31.76 -8.75 -10.13
CA VAL B 134 -31.72 -7.32 -10.46
C VAL B 134 -30.26 -6.89 -10.59
N VAL B 135 -29.96 -6.14 -11.65
CA VAL B 135 -28.59 -5.70 -11.95
C VAL B 135 -28.58 -4.19 -11.88
N LYS B 136 -27.87 -3.64 -10.90
CA LYS B 136 -27.75 -2.21 -10.71
C LYS B 136 -26.30 -1.78 -10.91
N PHE B 137 -26.11 -0.66 -11.59
CA PHE B 137 -24.80 -0.12 -11.89
C PHE B 137 -24.42 0.95 -10.88
N TYR B 138 -23.11 1.11 -10.66
CA TYR B 138 -22.60 2.04 -9.67
C TYR B 138 -21.40 2.79 -10.23
N ARG B 139 -21.35 4.09 -10.00
CA ARG B 139 -20.22 4.93 -10.36
C ARG B 139 -19.61 5.50 -9.08
N ASP B 140 -18.36 5.11 -8.81
CA ASP B 140 -17.63 5.59 -7.63
C ASP B 140 -18.41 5.35 -6.34
N GLY B 141 -19.20 4.28 -6.31
CA GLY B 141 -19.94 3.91 -5.12
C GLY B 141 -21.43 4.21 -5.21
N ALA B 142 -21.79 5.34 -5.79
CA ALA B 142 -23.19 5.75 -5.86
C ALA B 142 -23.91 5.03 -6.99
N GLU B 143 -25.19 4.76 -6.78
CA GLU B 143 -25.99 4.08 -7.77
C GLU B 143 -26.19 4.96 -9.00
N ILE B 144 -26.25 4.31 -10.16
CA ILE B 144 -26.39 5.00 -11.44
C ILE B 144 -27.85 4.92 -11.88
N GLN B 145 -28.47 6.07 -12.11
CA GLN B 145 -29.78 6.15 -12.74
C GLN B 145 -29.60 6.51 -14.21
N SER B 146 -30.40 5.89 -15.07
CA SER B 146 -30.27 6.09 -16.51
C SER B 146 -30.48 7.55 -16.87
N SER B 147 -29.43 8.18 -17.41
CA SER B 147 -29.47 9.57 -17.85
C SER B 147 -29.44 9.62 -19.37
N LEU B 148 -29.26 10.83 -19.91
CA LEU B 148 -29.13 10.98 -21.36
C LEU B 148 -27.78 10.49 -21.86
N ASP B 149 -26.73 10.61 -21.04
CA ASP B 149 -25.40 10.14 -21.41
C ASP B 149 -25.02 8.83 -20.74
N PHE B 150 -25.65 8.48 -19.63
CA PHE B 150 -25.39 7.23 -18.92
C PHE B 150 -26.64 6.37 -19.04
N GLN B 151 -26.82 5.76 -20.21
CA GLN B 151 -28.02 5.00 -20.53
C GLN B 151 -27.75 3.52 -20.31
N ILE B 152 -28.58 2.90 -19.47
CA ILE B 152 -28.48 1.49 -19.16
C ILE B 152 -29.54 0.73 -19.96
N SER B 153 -29.09 -0.24 -20.76
CA SER B 153 -29.98 -1.03 -21.61
C SER B 153 -29.78 -2.50 -21.31
N GLN B 154 -30.89 -3.20 -21.06
CA GLN B 154 -30.86 -4.63 -20.79
C GLN B 154 -31.15 -5.41 -22.06
N GLU B 155 -30.34 -6.42 -22.34
CA GLU B 155 -30.49 -7.27 -23.52
C GLU B 155 -30.61 -8.73 -23.05
N GLY B 156 -31.71 -9.03 -22.37
CA GLY B 156 -31.93 -10.36 -21.83
C GLY B 156 -30.85 -10.80 -20.86
N ASP B 157 -29.75 -11.33 -21.40
CA ASP B 157 -28.61 -11.71 -20.59
C ASP B 157 -27.56 -10.62 -20.47
N LEU B 158 -27.57 -9.65 -21.38
CA LEU B 158 -26.57 -8.59 -21.41
C LEU B 158 -27.09 -7.33 -20.73
N TYR B 159 -26.21 -6.67 -19.98
CA TYR B 159 -26.51 -5.39 -19.35
C TYR B 159 -25.42 -4.41 -19.73
N SER B 160 -25.76 -3.39 -20.49
CA SER B 160 -24.78 -2.47 -21.08
C SER B 160 -25.03 -1.06 -20.57
N LEU B 161 -23.99 -0.45 -20.00
CA LEU B 161 -24.00 0.98 -19.68
C LEU B 161 -23.30 1.71 -20.83
N LEU B 162 -24.06 2.55 -21.53
CA LEU B 162 -23.58 3.22 -22.73
C LEU B 162 -23.32 4.69 -22.43
N ILE B 163 -22.08 5.13 -22.62
CA ILE B 163 -21.71 6.53 -22.48
C ILE B 163 -21.54 7.11 -23.87
N ALA B 164 -22.31 8.16 -24.18
CA ALA B 164 -22.27 8.78 -25.50
C ALA B 164 -20.89 9.38 -25.80
N GLU B 165 -20.54 10.44 -25.09
CA GLU B 165 -19.24 11.11 -25.27
C GLU B 165 -18.47 11.00 -23.96
N ALA B 166 -17.36 10.27 -23.98
CA ALA B 166 -16.52 10.12 -22.81
C ALA B 166 -15.63 11.34 -22.62
N TYR B 167 -15.47 11.76 -21.37
CA TYR B 167 -14.66 12.92 -21.02
C TYR B 167 -13.81 12.58 -19.81
N PRO B 168 -12.70 13.30 -19.60
CA PRO B 168 -11.82 12.96 -18.47
C PRO B 168 -12.51 12.95 -17.11
N GLU B 169 -13.51 13.80 -16.89
CA GLU B 169 -14.21 13.80 -15.62
C GLU B 169 -15.01 12.51 -15.40
N ASP B 170 -15.28 11.76 -16.46
CA ASP B 170 -15.97 10.48 -16.34
C ASP B 170 -15.05 9.35 -15.90
N SER B 171 -13.76 9.62 -15.73
CA SER B 171 -12.83 8.61 -15.26
C SER B 171 -13.14 8.25 -13.81
N GLY B 172 -13.40 6.98 -13.56
CA GLY B 172 -13.72 6.54 -12.22
C GLY B 172 -13.79 5.05 -12.11
N THR B 173 -14.46 4.58 -11.07
CA THR B 173 -14.60 3.16 -10.79
C THR B 173 -16.07 2.76 -10.97
N TYR B 174 -16.32 1.90 -11.95
CA TYR B 174 -17.67 1.42 -12.25
C TYR B 174 -17.79 -0.03 -11.85
N SER B 175 -18.92 -0.38 -11.22
CA SER B 175 -19.14 -1.74 -10.75
C SER B 175 -20.63 -2.04 -10.80
N VAL B 176 -20.96 -3.26 -11.21
CA VAL B 176 -22.34 -3.72 -11.26
C VAL B 176 -22.56 -4.73 -10.15
N ASN B 177 -23.83 -4.90 -9.78
CA ASN B 177 -24.21 -5.76 -8.67
C ASN B 177 -25.48 -6.51 -9.02
N ALA B 178 -25.49 -7.82 -8.74
CA ALA B 178 -26.62 -8.68 -9.09
C ALA B 178 -26.94 -9.58 -7.92
N THR B 179 -28.17 -9.50 -7.42
CA THR B 179 -28.65 -10.33 -6.32
C THR B 179 -30.00 -10.93 -6.67
N ASN B 180 -30.25 -12.15 -6.19
CA ASN B 180 -31.56 -12.77 -6.34
C ASN B 180 -32.12 -13.18 -4.98
N SER B 181 -31.59 -14.26 -4.41
CA SER B 181 -32.04 -14.75 -3.10
C SER B 181 -31.04 -15.70 -2.50
N VAL B 182 -30.46 -16.58 -3.33
CA VAL B 182 -29.51 -17.55 -2.83
C VAL B 182 -28.10 -16.96 -2.73
N GLY B 183 -27.76 -16.00 -3.58
CA GLY B 183 -26.44 -15.41 -3.53
C GLY B 183 -26.42 -14.02 -4.15
N ARG B 184 -25.24 -13.41 -4.09
CA ARG B 184 -24.99 -12.10 -4.68
C ARG B 184 -23.62 -12.09 -5.32
N ALA B 185 -23.51 -11.45 -6.49
CA ALA B 185 -22.25 -11.37 -7.20
C ALA B 185 -22.06 -9.96 -7.76
N THR B 186 -20.83 -9.48 -7.70
CA THR B 186 -20.47 -8.16 -8.21
C THR B 186 -19.33 -8.27 -9.21
N SER B 187 -19.02 -7.16 -9.86
CA SER B 187 -17.91 -7.10 -10.81
C SER B 187 -17.49 -5.64 -10.93
N THR B 188 -16.22 -5.35 -10.65
CA THR B 188 -15.72 -4.00 -10.59
C THR B 188 -14.66 -3.76 -11.66
N ALA B 189 -14.70 -2.59 -12.28
CA ALA B 189 -13.73 -2.20 -13.29
C ALA B 189 -13.36 -0.74 -13.09
N GLU B 190 -12.29 -0.31 -13.76
CA GLU B 190 -11.77 1.05 -13.63
C GLU B 190 -11.63 1.67 -15.01
N LEU B 191 -12.24 2.84 -15.18
CA LEU B 191 -12.24 3.55 -16.46
C LEU B 191 -11.36 4.79 -16.37
N LEU B 192 -10.58 5.04 -17.41
CA LEU B 192 -9.72 6.22 -17.50
C LEU B 192 -9.87 6.81 -18.89
N VAL B 193 -10.22 8.09 -18.94
CA VAL B 193 -10.41 8.82 -20.20
C VAL B 193 -9.27 9.81 -20.35
N GLN B 194 -8.50 9.67 -21.42
CA GLN B 194 -7.32 10.49 -21.65
C GLN B 194 -7.65 11.63 -22.60
N GLY B 195 -7.24 12.85 -22.21
CA GLY B 195 -7.29 14.00 -23.09
C GLY B 195 -5.90 14.35 -23.61
N GLU B 196 -5.87 15.36 -24.47
CA GLU B 196 -4.60 15.79 -25.03
C GLU B 196 -3.81 16.63 -24.02
N THR B 197 -4.48 17.53 -23.32
CA THR B 197 -3.88 18.33 -22.26
C THR B 197 -4.38 17.89 -20.89
N THR B 198 -4.56 16.59 -20.71
CA THR B 198 -5.19 16.03 -19.51
C THR B 198 -4.38 14.83 -19.05
N GLN B 199 -3.96 14.86 -17.78
CA GLN B 199 -3.18 13.76 -17.20
C GLN B 199 -3.56 13.59 -15.74
N ALA B 200 -3.78 12.34 -15.32
CA ALA B 200 -4.15 12.05 -13.96
C ALA B 200 -2.97 12.33 -13.03
N PRO B 201 -3.24 12.60 -11.75
CA PRO B 201 -2.14 12.84 -10.80
C PRO B 201 -1.29 11.59 -10.61
N THR B 202 0.02 11.80 -10.56
CA THR B 202 0.97 10.71 -10.39
C THR B 202 2.13 11.19 -9.53
N PHE B 203 2.56 10.34 -8.61
CA PHE B 203 3.68 10.65 -7.71
C PHE B 203 4.98 10.23 -8.37
N THR B 204 5.77 11.21 -8.82
CA THR B 204 7.10 10.92 -9.34
C THR B 204 8.07 10.58 -8.23
N GLN B 205 7.81 11.06 -7.01
CA GLN B 205 8.59 10.71 -5.83
C GLN B 205 7.62 10.62 -4.66
N PRO B 206 7.23 9.42 -4.25
CA PRO B 206 6.24 9.29 -3.19
C PRO B 206 6.83 9.65 -1.83
N LEU B 207 5.95 9.68 -0.83
CA LEU B 207 6.37 9.99 0.53
C LEU B 207 7.24 8.87 1.08
N GLN B 208 8.13 9.24 2.02
CA GLN B 208 9.06 8.31 2.63
C GLN B 208 8.88 8.33 4.15
N SER B 209 8.86 7.14 4.75
CA SER B 209 8.73 7.04 6.19
C SER B 209 9.96 7.62 6.87
N VAL B 210 9.75 8.64 7.70
CA VAL B 210 10.84 9.40 8.32
C VAL B 210 10.91 9.05 9.80
N VAL B 211 12.12 8.76 10.26
CA VAL B 211 12.40 8.63 11.70
C VAL B 211 13.14 9.87 12.15
N VAL B 212 12.56 10.59 13.10
CA VAL B 212 13.13 11.83 13.62
C VAL B 212 13.26 11.71 15.14
N LEU B 213 14.21 12.43 15.69
CA LEU B 213 14.38 12.47 17.14
C LEU B 213 13.43 13.48 17.75
N GLU B 214 12.96 13.17 18.96
CA GLU B 214 11.97 14.01 19.62
C GLU B 214 12.53 15.41 19.86
N GLY B 215 11.81 16.42 19.38
CA GLY B 215 12.22 17.80 19.46
C GLY B 215 12.80 18.35 18.17
N SER B 216 13.36 17.49 17.33
CA SER B 216 13.93 17.92 16.07
C SER B 216 12.84 18.12 15.02
N THR B 217 13.20 18.82 13.95
CA THR B 217 12.27 19.08 12.87
C THR B 217 12.19 17.89 11.93
N ALA B 218 10.98 17.57 11.49
CA ALA B 218 10.73 16.51 10.53
C ALA B 218 10.01 17.09 9.32
N THR B 219 10.29 16.53 8.15
CA THR B 219 9.75 17.05 6.89
C THR B 219 9.44 15.90 5.96
N PHE B 220 8.17 15.76 5.60
CA PHE B 220 7.76 14.92 4.50
C PHE B 220 7.81 15.73 3.21
N GLU B 221 8.11 15.05 2.11
CA GLU B 221 8.18 15.73 0.82
C GLU B 221 7.84 14.75 -0.29
N ALA B 222 7.01 15.18 -1.22
CA ALA B 222 6.61 14.38 -2.36
C ALA B 222 6.53 15.25 -3.60
N HIS B 223 6.83 14.66 -4.75
CA HIS B 223 6.78 15.36 -6.03
C HIS B 223 5.58 14.85 -6.82
N ILE B 224 4.74 15.77 -7.28
CA ILE B 224 3.45 15.46 -7.85
C ILE B 224 3.39 15.98 -9.28
N SER B 225 2.92 15.14 -10.19
CA SER B 225 2.66 15.51 -11.58
C SER B 225 1.18 15.37 -11.88
N GLY B 226 0.75 15.95 -12.99
CA GLY B 226 -0.63 15.89 -13.42
C GLY B 226 -1.11 17.22 -13.96
N PHE B 227 -2.06 17.14 -14.90
CA PHE B 227 -2.59 18.35 -15.54
C PHE B 227 -4.11 18.30 -15.61
N PRO B 228 -4.78 19.34 -15.07
CA PRO B 228 -4.21 20.52 -14.41
C PRO B 228 -3.57 20.21 -13.06
N VAL B 229 -2.92 21.21 -12.46
CA VAL B 229 -2.22 21.05 -11.19
C VAL B 229 -3.22 20.55 -10.15
N PRO B 230 -3.05 19.33 -9.64
CA PRO B 230 -4.07 18.75 -8.76
C PRO B 230 -4.08 19.41 -7.38
N GLU B 231 -5.26 19.38 -6.76
CA GLU B 231 -5.40 19.88 -5.40
C GLU B 231 -4.76 18.89 -4.42
N VAL B 232 -4.16 19.43 -3.37
CA VAL B 232 -3.33 18.67 -2.44
C VAL B 232 -3.95 18.75 -1.05
N SER B 233 -4.04 17.60 -0.39
CA SER B 233 -4.56 17.52 0.97
C SER B 233 -3.72 16.55 1.80
N TRP B 234 -3.45 16.92 3.03
CA TRP B 234 -2.66 16.10 3.95
C TRP B 234 -3.56 15.53 5.04
N PHE B 235 -3.21 14.32 5.48
CA PHE B 235 -3.98 13.61 6.49
C PHE B 235 -3.04 12.99 7.52
N ARG B 236 -3.60 12.63 8.67
CA ARG B 236 -2.82 11.99 9.72
C ARG B 236 -3.79 11.19 10.61
N ASP B 237 -3.81 9.87 10.40
CA ASP B 237 -4.61 8.95 11.22
C ASP B 237 -6.09 9.34 11.20
N GLY B 238 -6.62 9.52 9.99
CA GLY B 238 -8.03 9.78 9.80
C GLY B 238 -8.43 11.24 9.76
N GLN B 239 -7.74 12.10 10.50
CA GLN B 239 -8.09 13.50 10.59
C GLN B 239 -7.28 14.31 9.58
N VAL B 240 -7.92 15.33 9.01
CA VAL B 240 -7.32 16.13 7.94
C VAL B 240 -6.45 17.22 8.54
N ILE B 241 -5.33 17.49 7.87
CA ILE B 241 -4.42 18.57 8.26
C ILE B 241 -4.54 19.76 7.31
N SER B 242 -4.70 19.51 6.01
CA SER B 242 -4.84 20.57 5.03
C SER B 242 -5.73 20.09 3.89
N SER B 243 -6.30 21.05 3.16
CA SER B 243 -7.13 20.73 2.00
C SER B 243 -6.90 21.70 0.84
N GLY B 244 -5.73 22.32 0.76
CA GLY B 244 -5.40 23.28 -0.28
C GLY B 244 -4.62 24.44 0.31
N ARG B 245 -4.70 25.59 -0.37
CA ARG B 245 -4.03 26.80 0.11
C ARG B 245 -4.63 27.29 1.42
N GLY B 246 -5.82 26.82 1.77
CA GLY B 246 -6.50 27.23 2.98
C GLY B 246 -5.82 26.88 4.29
N ASP B 247 -6.60 26.76 5.35
CA ASP B 247 -6.05 26.62 6.69
C ASP B 247 -5.24 25.33 6.82
N SER B 248 -4.25 25.37 7.70
CA SER B 248 -3.40 24.21 7.95
C SER B 248 -3.68 23.61 9.32
N SER B 249 -2.70 23.69 10.21
CA SER B 249 -2.83 23.12 11.55
C SER B 249 -1.81 23.80 12.45
N PRO B 250 -2.03 23.81 13.76
CA PRO B 250 -1.06 24.43 14.67
C PRO B 250 0.31 23.75 14.58
N GLY B 251 1.34 24.56 14.39
CA GLY B 251 2.71 24.07 14.36
C GLY B 251 3.04 23.18 13.18
N VAL B 252 2.44 23.44 12.02
CA VAL B 252 2.68 22.65 10.81
C VAL B 252 2.83 23.60 9.64
N GLN B 253 3.89 23.41 8.85
CA GLN B 253 4.16 24.22 7.67
C GLN B 253 3.93 23.36 6.44
N ILE B 254 2.90 23.70 5.66
CA ILE B 254 2.51 22.94 4.47
C ILE B 254 2.63 23.86 3.26
N SER B 255 3.35 23.38 2.24
CA SER B 255 3.56 24.15 1.03
C SER B 255 3.45 23.23 -0.18
N PHE B 256 3.11 23.83 -1.32
CA PHE B 256 3.00 23.10 -2.58
C PHE B 256 3.22 24.09 -3.71
N SER B 257 4.39 24.04 -4.33
CA SER B 257 4.74 24.98 -5.39
C SER B 257 5.64 24.29 -6.40
N ASP B 258 5.22 24.29 -7.67
CA ASP B 258 5.98 23.69 -8.76
C ASP B 258 6.30 22.23 -8.49
N GLY B 259 5.30 21.49 -7.99
CA GLY B 259 5.46 20.08 -7.71
C GLY B 259 6.12 19.76 -6.39
N ARG B 260 6.45 20.76 -5.58
CA ARG B 260 7.12 20.55 -4.29
C ARG B 260 6.07 20.57 -3.18
N ALA B 261 5.45 19.42 -2.93
CA ALA B 261 4.47 19.26 -1.86
C ALA B 261 5.19 18.71 -0.63
N LYS B 262 5.32 19.55 0.40
CA LYS B 262 6.03 19.15 1.60
C LYS B 262 5.29 19.63 2.84
N LEU B 263 5.50 18.93 3.94
CA LEU B 263 4.92 19.25 5.24
C LEU B 263 6.03 19.19 6.28
N THR B 264 6.16 20.25 7.07
CA THR B 264 7.27 20.39 8.02
C THR B 264 6.72 20.58 9.42
N ILE B 265 7.27 19.84 10.37
CA ILE B 265 6.93 19.98 11.79
C ILE B 265 8.19 20.42 12.54
N PRO B 266 8.27 21.66 13.00
CA PRO B 266 9.51 22.14 13.65
C PRO B 266 9.81 21.44 14.97
N ALA B 267 8.82 21.34 15.84
CA ALA B 267 8.98 20.71 17.16
C ALA B 267 8.18 19.42 17.18
N VAL B 268 8.84 18.31 16.90
CA VAL B 268 8.19 17.01 16.85
C VAL B 268 8.19 16.39 18.24
N THR B 269 7.02 15.96 18.69
CA THR B 269 6.86 15.22 19.94
C THR B 269 6.45 13.79 19.63
N LYS B 270 6.27 13.00 20.68
CA LYS B 270 5.78 11.63 20.50
C LYS B 270 4.32 11.60 20.11
N ALA B 271 3.59 12.70 20.28
CA ALA B 271 2.19 12.74 19.88
C ALA B 271 2.04 12.96 18.38
N ASN B 272 3.01 13.60 17.73
CA ASN B 272 2.97 13.78 16.29
C ASN B 272 3.20 12.49 15.52
N SER B 273 3.57 11.40 16.20
CA SER B 273 3.76 10.12 15.54
C SER B 273 2.44 9.60 14.99
N GLY B 274 2.54 8.84 13.89
CA GLY B 274 1.37 8.29 13.25
C GLY B 274 1.65 8.04 11.79
N ARG B 275 0.57 7.80 11.05
CA ARG B 275 0.63 7.52 9.62
C ARG B 275 0.08 8.73 8.86
N TYR B 276 0.91 9.34 8.03
CA TYR B 276 0.53 10.52 7.26
C TYR B 276 0.20 10.12 5.83
N SER B 277 -0.70 10.90 5.22
CA SER B 277 -1.18 10.61 3.88
C SER B 277 -1.22 11.88 3.06
N LEU B 278 -0.89 11.76 1.78
CA LEU B 278 -0.97 12.86 0.82
C LEU B 278 -1.85 12.43 -0.34
N LYS B 279 -2.89 13.23 -0.63
CA LYS B 279 -3.86 12.88 -1.64
C LYS B 279 -3.97 14.04 -2.64
N ALA B 280 -3.53 13.80 -3.87
CA ALA B 280 -3.65 14.76 -4.95
C ALA B 280 -4.83 14.37 -5.84
N THR B 281 -5.62 15.37 -6.24
CA THR B 281 -6.85 15.11 -6.98
C THR B 281 -7.09 16.19 -8.03
N ASN B 282 -7.53 15.75 -9.21
CA ASN B 282 -8.00 16.67 -10.24
C ASN B 282 -9.21 16.08 -10.95
N GLY B 283 -9.39 16.40 -12.23
CA GLY B 283 -10.54 15.90 -12.96
C GLY B 283 -10.39 14.47 -13.43
N SER B 284 -9.16 14.01 -13.64
CA SER B 284 -8.90 12.68 -14.20
C SER B 284 -8.79 11.59 -13.14
N GLY B 285 -8.95 11.94 -11.86
CA GLY B 285 -8.85 10.99 -10.78
C GLY B 285 -7.92 11.50 -9.70
N GLN B 286 -7.40 10.57 -8.91
CA GLN B 286 -6.57 10.94 -7.77
C GLN B 286 -5.50 9.88 -7.55
N ALA B 287 -4.47 10.27 -6.80
CA ALA B 287 -3.39 9.37 -6.41
C ALA B 287 -2.96 9.71 -5.00
N THR B 288 -2.78 8.69 -4.17
CA THR B 288 -2.51 8.86 -2.75
C THR B 288 -1.19 8.22 -2.38
N SER B 289 -0.36 8.95 -1.63
CA SER B 289 0.89 8.44 -1.09
C SER B 289 0.81 8.41 0.43
N THR B 290 1.46 7.41 1.02
CA THR B 290 1.37 7.18 2.46
C THR B 290 2.76 6.91 3.02
N ALA B 291 3.09 7.62 4.10
CA ALA B 291 4.33 7.42 4.84
C ALA B 291 4.01 7.34 6.32
N GLU B 292 5.05 7.18 7.14
CA GLU B 292 4.89 7.02 8.58
C GLU B 292 5.98 7.78 9.31
N LEU B 293 5.59 8.50 10.35
CA LEU B 293 6.51 9.27 11.17
C LEU B 293 6.76 8.55 12.49
N LEU B 294 8.00 8.15 12.73
CA LEU B 294 8.40 7.47 13.95
C LEU B 294 9.32 8.38 14.75
N VAL B 295 9.05 8.50 16.04
CA VAL B 295 9.76 9.44 16.92
C VAL B 295 10.42 8.65 18.04
N LYS B 296 11.72 8.84 18.19
CA LYS B 296 12.49 8.27 19.30
C LYS B 296 12.63 9.32 20.41
N ALA B 297 12.80 8.83 21.63
CA ALA B 297 12.96 9.69 22.79
C ALA B 297 14.42 9.79 23.23
#